data_6IYM
#
_entry.id   6IYM
#
_cell.length_a   120.437
_cell.length_b   72.656
_cell.length_c   63.374
_cell.angle_alpha   90.00
_cell.angle_beta   101.68
_cell.angle_gamma   90.00
#
_symmetry.space_group_name_H-M   'C 1 2 1'
#
loop_
_entity.id
_entity.type
_entity.pdbx_description
1 polymer '5-oxopent-3-ene-1,2,5-tricarboxylate decarboxylase'
2 non-polymer 'MAGNESIUM ION'
3 water water
#
_entity_poly.entity_id   1
_entity_poly.type   'polypeptide(L)'
_entity_poly.pdbx_seq_one_letter_code
;ASMKWFRFEQDGRARIGVEEAGHRYDVTPQVYTDSLLEVIVRGFEMDVDLDVAPRLTDHVRLLAPYLPPRNVICVGKNYA
DHIKEMDTAGAGKFVLFTKAPSSIVGPFDPIERHADLTQQLDYEGELAIIIGTTGRDLTPENALEHVFGYSIINDVTARD
LQKEHVQFFRGKSLDGFCPFGPVIVTEDAFDPADVLVETRVNGELRQSGSTKLMLRDVVTILTEVSRGMTLEAGDVIATG
TPAGVGHGMKPPVYLQDGDVIDVSIEGIGHLQNQVKARRHHHHHH
;
_entity_poly.pdbx_strand_id   A,B
#
# COMPACT_ATOMS: atom_id res chain seq x y z
N SER A 2 7.55 20.40 24.19
CA SER A 2 6.86 19.90 22.95
C SER A 2 7.88 19.79 21.81
N MET A 3 8.58 18.64 21.73
CA MET A 3 9.49 18.28 20.61
C MET A 3 8.65 17.96 19.37
N LYS A 4 8.84 18.69 18.27
CA LYS A 4 8.25 18.39 16.94
C LYS A 4 9.40 18.01 16.02
N TRP A 5 9.20 17.01 15.17
CA TRP A 5 10.25 16.53 14.24
C TRP A 5 9.85 16.90 12.82
N PHE A 6 10.82 17.33 12.01
CA PHE A 6 10.59 17.54 10.56
C PHE A 6 11.88 17.26 9.81
N ARG A 7 11.71 17.12 8.50
CA ARG A 7 12.77 17.15 7.48
C ARG A 7 12.65 18.52 6.81
N PHE A 8 13.78 19.17 6.51
CA PHE A 8 13.83 20.44 5.72
C PHE A 8 14.93 20.34 4.66
N GLU A 9 14.86 21.19 3.64
CA GLU A 9 15.77 21.18 2.46
C GLU A 9 16.93 22.16 2.70
N GLN A 10 18.15 21.70 2.38
CA GLN A 10 19.40 22.52 2.33
C GLN A 10 20.30 22.01 1.19
N ASP A 11 20.49 22.85 0.16
CA ASP A 11 21.36 22.58 -1.02
C ASP A 11 20.76 21.46 -1.87
N GLY A 12 19.42 21.45 -2.01
CA GLY A 12 18.66 20.41 -2.73
C GLY A 12 18.76 19.06 -2.05
N ARG A 13 19.02 19.03 -0.72
CA ARG A 13 19.35 17.81 0.06
C ARG A 13 18.72 17.82 1.46
N ALA A 14 18.09 16.70 1.82
CA ALA A 14 17.33 16.48 3.07
C ALA A 14 18.24 16.70 4.28
N ARG A 15 17.73 17.42 5.29
CA ARG A 15 18.27 17.47 6.68
C ARG A 15 17.12 17.27 7.66
N ILE A 16 17.41 17.08 8.96
CA ILE A 16 16.40 16.82 10.01
C ILE A 16 16.46 17.97 11.01
N GLY A 17 15.29 18.40 11.47
CA GLY A 17 15.13 19.52 12.40
C GLY A 17 14.09 19.16 13.42
N VAL A 18 14.16 19.81 14.58
CA VAL A 18 13.15 19.71 15.67
C VAL A 18 12.69 21.12 16.04
N GLU A 19 11.70 21.21 16.93
CA GLU A 19 11.07 22.49 17.34
C GLU A 19 10.61 22.33 18.80
N GLU A 20 11.29 23.04 19.70
CA GLU A 20 10.92 23.20 21.13
C GLU A 20 10.69 24.69 21.40
N ALA A 21 9.51 25.03 21.93
CA ALA A 21 9.09 26.40 22.28
C ALA A 21 9.58 27.40 21.22
N GLY A 22 9.12 27.25 19.97
CA GLY A 22 9.01 28.36 19.00
C GLY A 22 10.19 28.51 18.03
N HIS A 23 11.34 27.85 18.27
CA HIS A 23 12.52 27.93 17.36
C HIS A 23 12.88 26.55 16.83
N ARG A 24 13.58 26.54 15.70
CA ARG A 24 13.85 25.33 14.88
C ARG A 24 15.35 25.07 14.82
N TYR A 25 15.81 24.11 15.63
CA TYR A 25 17.23 23.67 15.71
C TYR A 25 17.42 22.56 14.68
N ASP A 26 18.54 22.59 13.96
CA ASP A 26 19.01 21.48 13.08
C ASP A 26 19.71 20.45 13.97
N VAL A 27 19.14 19.24 14.09
CA VAL A 27 19.60 18.19 15.06
C VAL A 27 20.32 17.07 14.32
N THR A 28 20.53 17.18 13.01
CA THR A 28 21.03 16.07 12.18
C THR A 28 22.26 15.45 12.85
N PRO A 29 23.29 16.26 13.25
CA PRO A 29 24.50 15.72 13.87
C PRO A 29 24.28 14.79 15.07
N GLN A 30 23.48 15.18 16.06
CA GLN A 30 23.27 14.35 17.29
C GLN A 30 22.60 13.03 16.94
N VAL A 31 21.71 13.00 15.93
CA VAL A 31 20.83 11.83 15.62
C VAL A 31 21.46 10.97 14.50
N TYR A 32 22.50 11.46 13.81
CA TYR A 32 23.39 10.67 12.90
C TYR A 32 22.59 10.04 11.75
N THR A 33 21.73 10.83 11.10
CA THR A 33 21.03 10.43 9.85
C THR A 33 20.27 11.63 9.27
N ASP A 34 19.95 11.58 7.97
CA ASP A 34 19.06 12.53 7.24
C ASP A 34 17.68 11.92 6.94
N SER A 35 17.40 10.69 7.45
CA SER A 35 16.08 10.03 7.28
C SER A 35 15.31 10.05 8.58
N LEU A 36 14.20 10.80 8.60
CA LEU A 36 13.31 10.89 9.76
C LEU A 36 12.58 9.54 9.94
N LEU A 37 12.40 8.76 8.87
CA LEU A 37 11.82 7.39 8.96
C LEU A 37 12.78 6.51 9.77
N GLU A 38 14.07 6.66 9.49
CA GLU A 38 15.16 5.93 10.18
C GLU A 38 15.10 6.24 11.67
N VAL A 39 14.87 7.51 12.04
CA VAL A 39 14.78 7.96 13.46
C VAL A 39 13.63 7.25 14.14
N ILE A 40 12.49 7.12 13.45
CA ILE A 40 11.27 6.47 13.98
C ILE A 40 11.48 4.95 14.13
N VAL A 41 11.91 4.27 13.05
CA VAL A 41 12.09 2.78 12.97
C VAL A 41 13.04 2.30 14.08
N ARG A 42 14.19 2.96 14.25
CA ARG A 42 15.24 2.67 15.29
C ARG A 42 14.64 2.49 16.69
N GLY A 43 13.52 3.17 17.01
CA GLY A 43 12.71 2.92 18.21
C GLY A 43 13.41 3.31 19.50
N PHE A 44 14.34 4.26 19.45
CA PHE A 44 14.92 5.00 20.61
C PHE A 44 15.19 6.44 20.15
N GLU A 45 15.15 7.41 21.07
CA GLU A 45 15.61 8.79 20.76
C GLU A 45 17.10 8.88 21.08
N MET A 46 17.89 9.42 20.15
CA MET A 46 19.37 9.52 20.26
C MET A 46 19.73 10.75 21.12
N ASP A 47 19.53 10.62 22.44
CA ASP A 47 20.04 11.49 23.52
C ASP A 47 20.55 12.82 22.92
N VAL A 48 19.66 13.58 22.29
CA VAL A 48 19.96 14.93 21.72
C VAL A 48 19.73 15.96 22.82
N ASP A 49 20.68 16.89 22.97
CA ASP A 49 20.60 18.04 23.90
C ASP A 49 20.85 19.32 23.09
N LEU A 50 19.88 20.24 23.13
CA LEU A 50 19.94 21.61 22.54
C LEU A 50 21.08 22.41 23.16
N ASP A 51 21.18 23.70 22.82
CA ASP A 51 22.28 24.62 23.24
C ASP A 51 23.59 24.03 22.69
N VAL A 52 23.59 23.69 21.41
CA VAL A 52 24.70 22.96 20.73
C VAL A 52 24.67 23.27 19.21
N ALA A 53 23.49 23.16 18.57
CA ALA A 53 23.34 23.13 17.09
C ALA A 53 22.47 24.29 16.59
N PRO A 54 22.51 24.59 15.27
CA PRO A 54 21.99 25.86 14.73
C PRO A 54 20.59 26.31 15.16
N ARG A 55 20.08 27.36 14.52
CA ARG A 55 18.72 27.94 14.76
C ARG A 55 18.22 28.59 13.46
N LEU A 56 18.32 27.88 12.33
CA LEU A 56 18.23 28.46 10.96
C LEU A 56 16.88 29.18 10.75
N THR A 57 16.77 29.91 9.62
CA THR A 57 15.71 30.90 9.29
C THR A 57 14.34 30.21 9.08
N ASP A 58 13.29 31.02 8.94
CA ASP A 58 11.88 30.56 8.83
C ASP A 58 11.59 30.15 7.38
N HIS A 59 12.17 30.85 6.41
CA HIS A 59 12.17 30.50 4.96
C HIS A 59 13.19 29.37 4.71
N VAL A 60 13.08 28.28 5.47
CA VAL A 60 14.04 27.14 5.50
C VAL A 60 13.57 26.07 4.49
N ARG A 61 12.25 25.93 4.35
CA ARG A 61 11.53 25.00 3.43
C ARG A 61 11.55 23.56 3.98
N LEU A 62 10.39 23.13 4.47
CA LEU A 62 10.11 21.78 5.05
C LEU A 62 9.89 20.81 3.90
N LEU A 63 10.23 19.53 4.08
CA LEU A 63 9.85 18.45 3.13
C LEU A 63 8.73 17.63 3.78
N ALA A 64 8.15 16.69 3.04
CA ALA A 64 7.27 15.66 3.64
C ALA A 64 8.06 14.98 4.75
N PRO A 65 7.48 14.63 5.91
CA PRO A 65 8.24 13.96 6.96
C PRO A 65 9.11 12.79 6.45
N TYR A 66 8.56 11.89 5.64
CA TYR A 66 9.32 10.83 4.93
C TYR A 66 8.43 10.24 3.85
N LEU A 67 8.99 9.38 3.01
CA LEU A 67 8.24 8.54 2.04
C LEU A 67 7.77 7.29 2.79
N PRO A 68 6.46 7.11 3.01
CA PRO A 68 5.98 6.02 3.86
C PRO A 68 6.46 4.72 3.20
N PRO A 69 6.97 3.76 3.99
CA PRO A 69 7.50 2.51 3.42
C PRO A 69 6.40 1.64 2.81
N ARG A 70 5.13 1.90 3.14
CA ARG A 70 3.98 1.20 2.52
C ARG A 70 2.80 2.16 2.38
N ASN A 71 1.71 1.74 1.73
CA ASN A 71 0.60 2.68 1.43
C ASN A 71 0.12 3.27 2.75
N VAL A 72 -0.25 4.55 2.70
CA VAL A 72 -0.94 5.27 3.81
C VAL A 72 -2.30 4.57 4.04
N ILE A 73 -2.56 4.12 5.26
CA ILE A 73 -3.83 3.45 5.62
C ILE A 73 -4.84 4.52 5.99
N CYS A 74 -6.03 4.49 5.37
CA CYS A 74 -7.05 5.56 5.46
C CYS A 74 -8.39 5.01 5.97
N VAL A 75 -8.99 5.74 6.92
CA VAL A 75 -10.33 5.46 7.49
C VAL A 75 -11.36 6.18 6.63
N GLY A 76 -12.53 5.57 6.42
CA GLY A 76 -13.66 6.20 5.71
C GLY A 76 -14.37 7.21 6.61
N LYS A 77 -15.68 7.41 6.45
CA LYS A 77 -16.49 8.33 7.30
C LYS A 77 -16.18 8.04 8.78
N ASN A 78 -15.62 9.01 9.49
CA ASN A 78 -15.21 8.86 10.90
C ASN A 78 -15.60 10.07 11.73
N TYR A 79 -16.44 10.99 11.25
CA TYR A 79 -16.73 12.24 12.01
C TYR A 79 -18.24 12.41 12.09
N ALA A 80 -18.74 12.66 13.30
CA ALA A 80 -20.10 13.18 13.58
C ALA A 80 -20.19 14.63 13.09
N ASP A 81 -21.38 15.08 12.70
CA ASP A 81 -21.63 16.45 12.18
C ASP A 81 -21.79 17.41 13.38
N HIS A 82 -23.01 17.58 13.90
CA HIS A 82 -23.36 18.63 14.89
C HIS A 82 -23.23 18.05 16.30
N ILE A 83 -22.05 17.48 16.59
CA ILE A 83 -21.72 16.60 17.74
C ILE A 83 -22.83 15.55 17.95
N LYS A 84 -23.74 15.70 18.94
CA LYS A 84 -24.68 14.65 19.44
C LYS A 84 -24.88 13.54 18.38
N GLU A 85 -25.91 13.65 17.53
CA GLU A 85 -26.27 12.68 16.45
C GLU A 85 -26.48 11.27 17.03
N MET A 86 -26.60 11.14 18.37
CA MET A 86 -26.93 9.90 19.13
C MET A 86 -25.69 9.02 19.30
N ASP A 87 -25.62 7.89 18.58
CA ASP A 87 -24.54 6.87 18.66
C ASP A 87 -24.09 6.52 17.23
N THR A 88 -24.34 7.42 16.27
CA THR A 88 -24.24 7.18 14.81
C THR A 88 -24.09 8.52 14.06
N ALA A 89 -23.92 8.48 12.73
CA ALA A 89 -23.81 9.64 11.84
C ALA A 89 -24.25 9.30 10.41
N GLY A 90 -23.73 8.19 9.86
CA GLY A 90 -24.11 7.61 8.55
C GLY A 90 -23.67 6.17 8.44
N ALA A 91 -24.60 5.22 8.38
CA ALA A 91 -24.38 3.76 8.55
C ALA A 91 -23.50 3.52 9.80
N GLY A 92 -22.18 3.60 9.63
CA GLY A 92 -21.16 3.47 10.69
C GLY A 92 -20.27 2.26 10.47
N LYS A 93 -20.16 1.75 9.25
CA LYS A 93 -19.16 0.68 8.92
C LYS A 93 -17.75 1.28 9.11
N PHE A 94 -16.80 0.49 9.66
CA PHE A 94 -15.36 0.81 9.80
C PHE A 94 -14.66 0.49 8.48
N VAL A 95 -14.41 1.53 7.68
CA VAL A 95 -14.02 1.44 6.24
C VAL A 95 -12.52 1.75 6.20
N LEU A 96 -11.74 0.89 5.52
CA LEU A 96 -10.27 1.03 5.42
C LEU A 96 -9.88 0.94 3.96
N PHE A 97 -9.02 1.84 3.47
CA PHE A 97 -8.44 1.81 2.09
C PHE A 97 -7.06 2.48 2.15
N THR A 98 -6.34 2.51 1.03
CA THR A 98 -4.94 3.03 1.05
C THR A 98 -4.73 4.08 -0.04
N LYS A 99 -3.61 4.78 0.10
CA LYS A 99 -3.07 5.72 -0.89
C LYS A 99 -1.64 5.31 -1.21
N ALA A 100 -1.33 5.08 -2.49
CA ALA A 100 0.05 4.76 -2.97
C ALA A 100 0.99 5.82 -2.45
N PRO A 101 2.21 5.44 -1.97
CA PRO A 101 3.24 6.38 -1.54
C PRO A 101 3.70 7.34 -2.66
N SER A 102 3.61 6.90 -3.91
CA SER A 102 3.87 7.74 -5.10
C SER A 102 2.98 9.02 -5.07
N SER A 103 1.89 9.07 -4.29
CA SER A 103 0.95 10.25 -4.25
C SER A 103 1.40 11.31 -3.25
N ILE A 104 2.37 11.00 -2.39
CA ILE A 104 2.87 11.91 -1.32
C ILE A 104 3.55 13.13 -1.93
N VAL A 105 3.26 14.31 -1.40
CA VAL A 105 4.04 15.55 -1.58
C VAL A 105 4.13 16.19 -0.21
N GLY A 106 5.04 17.14 -0.06
CA GLY A 106 5.32 17.78 1.23
C GLY A 106 4.71 19.18 1.30
N PRO A 107 4.98 19.94 2.37
CA PRO A 107 4.42 21.28 2.50
C PRO A 107 4.72 22.19 1.29
N PHE A 108 3.68 22.93 0.85
CA PHE A 108 3.69 23.96 -0.23
C PHE A 108 3.95 23.35 -1.60
N ASP A 109 4.12 22.02 -1.70
CA ASP A 109 4.21 21.34 -3.00
C ASP A 109 2.88 21.44 -3.72
N PRO A 110 2.92 21.64 -5.04
CA PRO A 110 1.70 21.60 -5.85
C PRO A 110 1.01 20.22 -5.81
N ILE A 111 -0.32 20.23 -5.87
CA ILE A 111 -1.15 19.04 -6.14
C ILE A 111 -1.43 19.03 -7.65
N GLU A 112 -0.93 18.04 -8.38
CA GLU A 112 -1.18 17.92 -9.83
C GLU A 112 -2.69 17.86 -10.03
N ARG A 113 -3.24 18.69 -10.94
CA ARG A 113 -4.70 18.87 -11.15
C ARG A 113 -5.34 17.68 -11.87
N HIS A 114 -4.62 17.04 -12.82
CA HIS A 114 -5.08 15.87 -13.61
C HIS A 114 -6.46 16.17 -14.25
N ALA A 115 -6.64 17.28 -14.97
CA ALA A 115 -7.95 17.68 -15.54
C ALA A 115 -8.46 16.61 -16.54
N ASP A 116 -7.57 15.94 -17.28
CA ASP A 116 -7.95 14.79 -18.17
C ASP A 116 -8.62 13.66 -17.37
N LEU A 117 -8.26 13.45 -16.10
CA LEU A 117 -8.75 12.24 -15.36
C LEU A 117 -9.92 12.58 -14.45
N THR A 118 -10.00 13.83 -13.94
CA THR A 118 -10.98 14.25 -12.91
C THR A 118 -11.61 15.60 -13.24
N GLN A 119 -12.92 15.75 -13.01
CA GLN A 119 -13.58 17.08 -12.87
C GLN A 119 -14.31 17.16 -11.52
N GLN A 120 -14.03 16.24 -10.59
CA GLN A 120 -14.55 16.29 -9.20
C GLN A 120 -13.41 16.10 -8.18
N LEU A 121 -12.34 16.87 -8.34
CA LEU A 121 -11.21 16.87 -7.38
C LEU A 121 -11.64 17.51 -6.06
N ASP A 122 -11.34 16.87 -4.93
CA ASP A 122 -11.85 17.29 -3.59
C ASP A 122 -10.73 17.16 -2.57
N TYR A 123 -10.88 17.88 -1.44
CA TYR A 123 -9.97 17.90 -0.27
C TYR A 123 -10.57 17.04 0.86
N GLU A 124 -9.70 16.62 1.78
CA GLU A 124 -10.10 16.02 3.10
C GLU A 124 -8.95 16.26 4.07
N GLY A 125 -9.13 17.14 5.04
CA GLY A 125 -8.12 17.42 6.07
C GLY A 125 -8.18 16.38 7.15
N GLU A 126 -7.03 15.84 7.58
CA GLU A 126 -7.03 14.62 8.46
C GLU A 126 -5.85 14.59 9.43
N LEU A 127 -6.12 14.11 10.65
CA LEU A 127 -5.08 13.77 11.65
C LEU A 127 -4.45 12.45 11.24
N ALA A 128 -3.14 12.42 11.13
CA ALA A 128 -2.36 11.22 10.77
C ALA A 128 -1.70 10.66 12.01
N ILE A 129 -1.91 9.38 12.32
CA ILE A 129 -1.11 8.61 13.32
C ILE A 129 0.18 8.10 12.68
N ILE A 130 1.32 8.35 13.31
CA ILE A 130 2.65 7.82 12.91
C ILE A 130 3.06 6.67 13.84
N ILE A 131 3.17 5.45 13.32
CA ILE A 131 3.46 4.23 14.14
C ILE A 131 4.97 4.22 14.38
N GLY A 132 5.38 3.99 15.63
CA GLY A 132 6.79 4.05 16.02
C GLY A 132 7.35 2.66 16.31
N THR A 133 6.50 1.69 16.59
CA THR A 133 6.92 0.31 16.99
C THR A 133 5.96 -0.69 16.33
N THR A 134 6.52 -1.66 15.61
CA THR A 134 5.81 -2.73 14.89
C THR A 134 5.05 -3.56 15.91
N GLY A 135 3.83 -3.96 15.58
CA GLY A 135 3.04 -4.75 16.54
C GLY A 135 1.77 -5.21 15.89
N ARG A 136 1.03 -6.04 16.59
CA ARG A 136 -0.23 -6.63 16.07
C ARG A 136 -1.18 -6.77 17.25
N ASP A 137 -2.49 -6.77 17.01
CA ASP A 137 -3.50 -7.06 18.05
C ASP A 137 -3.25 -6.13 19.25
N LEU A 138 -3.17 -4.83 18.96
CA LEU A 138 -3.02 -3.76 19.96
C LEU A 138 -4.24 -3.74 20.89
N THR A 139 -3.99 -3.38 22.14
CA THR A 139 -5.04 -3.25 23.20
C THR A 139 -5.19 -1.79 23.56
N PRO A 140 -6.32 -1.40 24.19
CA PRO A 140 -6.46 -0.09 24.82
C PRO A 140 -5.25 0.30 25.69
N GLU A 141 -4.61 -0.68 26.33
CA GLU A 141 -3.52 -0.49 27.33
C GLU A 141 -2.16 -0.24 26.64
N ASN A 142 -1.90 -0.83 25.47
CA ASN A 142 -0.57 -0.72 24.80
C ASN A 142 -0.64 0.14 23.52
N ALA A 143 -1.82 0.42 22.97
CA ALA A 143 -1.97 1.14 21.66
C ALA A 143 -0.95 2.26 21.53
N LEU A 144 -1.07 3.27 22.40
CA LEU A 144 -0.38 4.58 22.30
C LEU A 144 1.13 4.38 22.49
N GLU A 145 1.50 3.26 23.13
CA GLU A 145 2.91 2.86 23.27
C GLU A 145 3.49 2.54 21.88
N HIS A 146 2.67 2.13 20.91
CA HIS A 146 3.14 1.88 19.52
C HIS A 146 3.09 3.14 18.63
N VAL A 147 2.72 4.31 19.18
CA VAL A 147 2.58 5.57 18.38
C VAL A 147 3.85 6.40 18.58
N PHE A 148 4.55 6.75 17.51
CA PHE A 148 5.67 7.71 17.60
C PHE A 148 5.09 9.13 17.75
N GLY A 149 3.98 9.41 17.06
CA GLY A 149 3.42 10.78 17.03
C GLY A 149 2.35 10.97 15.99
N TYR A 150 2.14 12.22 15.58
CA TYR A 150 0.98 12.65 14.76
C TYR A 150 1.42 13.75 13.78
N SER A 151 0.75 13.78 12.63
CA SER A 151 0.97 14.78 11.55
C SER A 151 -0.35 15.02 10.83
N ILE A 152 -0.29 15.72 9.70
CA ILE A 152 -1.47 16.06 8.89
C ILE A 152 -1.33 15.33 7.56
N ILE A 153 -2.45 14.79 7.08
CA ILE A 153 -2.65 14.28 5.71
C ILE A 153 -3.80 15.06 5.10
N ASN A 154 -3.65 15.48 3.84
CA ASN A 154 -4.77 15.90 2.97
C ASN A 154 -5.07 14.71 2.05
N ASP A 155 -6.17 14.03 2.31
CA ASP A 155 -6.60 12.83 1.54
C ASP A 155 -7.27 13.38 0.29
N VAL A 156 -6.49 13.94 -0.62
CA VAL A 156 -7.02 14.51 -1.89
C VAL A 156 -7.67 13.35 -2.67
N THR A 157 -8.83 13.58 -3.28
CA THR A 157 -9.73 12.55 -3.83
C THR A 157 -10.38 13.04 -5.14
N ALA A 158 -10.44 12.15 -6.14
CA ALA A 158 -11.22 12.32 -7.38
C ALA A 158 -12.55 11.61 -7.16
N ARG A 159 -13.59 12.36 -6.82
CA ARG A 159 -14.92 11.80 -6.45
C ARG A 159 -15.50 10.96 -7.62
N ASP A 160 -15.17 11.27 -8.87
CA ASP A 160 -15.71 10.56 -10.06
C ASP A 160 -14.93 9.24 -10.24
N LEU A 161 -13.62 9.23 -9.99
CA LEU A 161 -12.77 8.01 -10.09
C LEU A 161 -13.15 7.03 -8.97
N GLN A 162 -13.60 7.55 -7.83
CA GLN A 162 -14.09 6.73 -6.68
C GLN A 162 -15.21 5.81 -7.15
N LYS A 163 -16.16 6.32 -7.91
CA LYS A 163 -17.32 5.54 -8.38
C LYS A 163 -16.91 4.73 -9.61
N GLU A 164 -16.06 5.29 -10.47
CA GLU A 164 -15.63 4.67 -11.76
C GLU A 164 -14.81 3.41 -11.50
N HIS A 165 -14.09 3.33 -10.37
CA HIS A 165 -13.15 2.23 -10.06
C HIS A 165 -13.64 1.47 -8.83
N VAL A 166 -14.83 1.86 -8.34
CA VAL A 166 -15.64 1.28 -7.23
C VAL A 166 -14.88 1.30 -5.91
N GLN A 167 -13.67 0.74 -5.87
CA GLN A 167 -12.79 0.81 -4.69
C GLN A 167 -12.07 2.16 -4.72
N PHE A 168 -11.79 2.75 -3.56
CA PHE A 168 -11.36 4.17 -3.47
C PHE A 168 -9.90 4.35 -3.94
N PHE A 169 -9.11 3.26 -3.99
CA PHE A 169 -7.64 3.25 -4.17
C PHE A 169 -7.18 4.20 -5.27
N ARG A 170 -7.64 3.99 -6.50
CA ARG A 170 -7.16 4.74 -7.69
C ARG A 170 -7.50 6.23 -7.52
N GLY A 171 -8.75 6.57 -7.23
CA GLY A 171 -9.20 7.97 -7.12
C GLY A 171 -8.53 8.72 -5.98
N LYS A 172 -7.80 8.03 -5.08
CA LYS A 172 -7.08 8.65 -3.93
C LYS A 172 -5.56 8.61 -4.15
N SER A 173 -5.09 8.04 -5.26
CA SER A 173 -3.69 7.60 -5.39
C SER A 173 -2.98 8.21 -6.61
N LEU A 174 -3.61 9.13 -7.35
CA LEU A 174 -2.94 9.86 -8.47
C LEU A 174 -1.79 10.67 -7.91
N ASP A 175 -0.71 10.88 -8.67
CA ASP A 175 0.46 11.66 -8.21
C ASP A 175 -0.06 13.03 -7.69
N GLY A 176 0.38 13.45 -6.51
CA GLY A 176 0.03 14.75 -5.90
C GLY A 176 -1.07 14.62 -4.86
N PHE A 177 -1.76 13.49 -4.77
CA PHE A 177 -3.02 13.37 -3.99
C PHE A 177 -2.77 13.10 -2.49
N CYS A 178 -1.54 13.22 -1.97
CA CYS A 178 -1.32 13.01 -0.52
C CYS A 178 -0.30 13.98 0.06
N PRO A 179 -0.65 15.29 0.20
CA PRO A 179 0.06 16.20 1.08
C PRO A 179 0.23 15.58 2.46
N PHE A 180 1.43 15.70 3.01
CA PHE A 180 1.84 15.07 4.28
C PHE A 180 2.82 16.01 4.96
N GLY A 181 2.51 16.45 6.17
CA GLY A 181 3.44 17.26 6.98
C GLY A 181 2.67 18.23 7.85
N PRO A 182 3.29 19.37 8.27
CA PRO A 182 4.68 19.70 7.96
C PRO A 182 5.71 19.08 8.92
N VAL A 183 5.25 18.61 10.06
CA VAL A 183 6.10 18.17 11.18
C VAL A 183 5.35 16.99 11.82
N ILE A 184 6.04 16.22 12.64
CA ILE A 184 5.45 15.14 13.47
C ILE A 184 5.54 15.64 14.92
N VAL A 185 4.42 15.75 15.63
CA VAL A 185 4.48 16.05 17.09
C VAL A 185 4.51 14.71 17.81
N THR A 186 5.39 14.57 18.80
CA THR A 186 5.67 13.29 19.52
C THR A 186 4.45 12.91 20.34
N GLU A 187 4.25 11.61 20.56
CA GLU A 187 3.04 11.05 21.22
C GLU A 187 2.93 11.69 22.61
N ASP A 188 4.08 11.92 23.25
CA ASP A 188 4.20 12.39 24.65
C ASP A 188 3.69 13.84 24.73
N ALA A 189 3.85 14.63 23.66
CA ALA A 189 3.61 16.10 23.59
C ALA A 189 2.24 16.44 22.99
N PHE A 190 1.36 15.46 22.81
CA PHE A 190 0.13 15.66 22.00
C PHE A 190 -0.97 14.70 22.45
N ASP A 191 -2.12 15.23 22.89
CA ASP A 191 -3.34 14.46 23.21
C ASP A 191 -4.33 14.66 22.07
N PRO A 192 -4.70 13.60 21.32
CA PRO A 192 -5.69 13.72 20.25
C PRO A 192 -7.18 13.74 20.65
N ALA A 193 -7.50 13.78 21.95
CA ALA A 193 -8.90 13.75 22.48
C ALA A 193 -9.75 14.87 21.86
N ASP A 194 -9.20 16.08 21.77
CA ASP A 194 -10.02 17.30 21.46
C ASP A 194 -9.14 18.35 20.79
N VAL A 195 -8.70 18.06 19.56
CA VAL A 195 -7.90 19.01 18.75
C VAL A 195 -8.74 19.40 17.55
N LEU A 196 -8.59 20.64 17.12
CA LEU A 196 -9.37 21.27 16.03
C LEU A 196 -8.66 20.99 14.70
N VAL A 197 -9.38 20.35 13.78
CA VAL A 197 -8.94 20.11 12.38
C VAL A 197 -9.72 21.08 11.50
N GLU A 198 -9.04 21.98 10.80
CA GLU A 198 -9.69 22.95 9.89
C GLU A 198 -9.06 22.88 8.50
N THR A 199 -9.89 23.12 7.50
CA THR A 199 -9.47 23.34 6.10
C THR A 199 -10.00 24.66 5.58
N ARG A 200 -9.12 25.45 5.00
CA ARG A 200 -9.48 26.66 4.21
C ARG A 200 -9.16 26.37 2.74
N VAL A 201 -10.05 26.80 1.86
CA VAL A 201 -9.82 26.83 0.39
C VAL A 201 -9.87 28.30 -0.03
N ASN A 202 -8.77 28.79 -0.58
CA ASN A 202 -8.60 30.21 -0.95
C ASN A 202 -9.00 31.10 0.23
N GLY A 203 -8.75 30.67 1.47
CA GLY A 203 -9.04 31.51 2.63
C GLY A 203 -10.42 31.28 3.21
N GLU A 204 -11.35 30.65 2.50
CA GLU A 204 -12.70 30.36 3.04
C GLU A 204 -12.66 29.11 3.95
N LEU A 205 -13.11 29.22 5.19
CA LEU A 205 -13.26 28.06 6.12
C LEU A 205 -14.23 27.03 5.53
N ARG A 206 -13.77 25.80 5.31
CA ARG A 206 -14.61 24.73 4.69
C ARG A 206 -14.86 23.64 5.71
N GLN A 207 -13.83 23.24 6.45
CA GLN A 207 -13.90 22.13 7.44
C GLN A 207 -13.42 22.70 8.77
N SER A 208 -14.13 22.38 9.85
CA SER A 208 -13.78 22.84 11.22
C SER A 208 -14.43 21.92 12.28
N GLY A 209 -13.74 20.83 12.67
CA GLY A 209 -14.30 19.78 13.54
C GLY A 209 -13.25 19.36 14.54
N SER A 210 -13.65 19.19 15.80
CA SER A 210 -12.76 18.65 16.85
C SER A 210 -12.60 17.14 16.64
N THR A 211 -11.47 16.60 17.07
CA THR A 211 -11.27 15.14 17.13
C THR A 211 -12.22 14.52 18.14
N LYS A 212 -12.89 15.31 18.98
CA LYS A 212 -13.96 14.78 19.88
C LYS A 212 -15.15 14.26 19.07
N LEU A 213 -15.33 14.68 17.82
CA LEU A 213 -16.46 14.21 16.95
C LEU A 213 -16.16 12.86 16.28
N MET A 214 -14.94 12.32 16.42
CA MET A 214 -14.50 11.03 15.79
C MET A 214 -15.40 9.88 16.28
N LEU A 215 -15.94 9.10 15.36
CA LEU A 215 -16.82 7.94 15.64
C LEU A 215 -15.97 6.80 16.20
N ARG A 216 -14.71 6.67 15.73
CA ARG A 216 -13.64 5.83 16.34
C ARG A 216 -12.42 6.69 16.69
N ASP A 217 -12.12 6.84 17.98
CA ASP A 217 -10.98 7.64 18.49
C ASP A 217 -9.66 6.96 18.12
N VAL A 218 -8.54 7.59 18.43
CA VAL A 218 -7.19 7.11 18.00
C VAL A 218 -7.00 5.68 18.54
N VAL A 219 -7.16 5.47 19.84
CA VAL A 219 -6.94 4.12 20.46
C VAL A 219 -7.83 3.08 19.77
N THR A 220 -9.12 3.34 19.52
CA THR A 220 -10.02 2.37 18.83
C THR A 220 -9.55 2.09 17.40
N ILE A 221 -9.09 3.11 16.67
CA ILE A 221 -8.56 2.90 15.30
C ILE A 221 -7.38 1.92 15.41
N LEU A 222 -6.40 2.18 16.28
CA LEU A 222 -5.19 1.33 16.44
C LEU A 222 -5.58 -0.12 16.78
N THR A 223 -6.43 -0.27 17.80
CA THR A 223 -7.04 -1.57 18.25
C THR A 223 -7.66 -2.32 17.06
N GLU A 224 -8.51 -1.67 16.28
CA GLU A 224 -9.31 -2.32 15.21
C GLU A 224 -8.43 -2.65 13.99
N VAL A 225 -7.55 -1.73 13.60
CA VAL A 225 -6.72 -1.81 12.37
C VAL A 225 -5.77 -3.00 12.51
N SER A 226 -5.21 -3.20 13.70
CA SER A 226 -4.09 -4.14 13.96
C SER A 226 -4.60 -5.54 14.25
N ARG A 227 -5.91 -5.78 14.21
CA ARG A 227 -6.52 -7.10 14.51
C ARG A 227 -6.17 -8.09 13.38
N GLY A 228 -5.24 -9.02 13.64
CA GLY A 228 -4.74 -9.99 12.66
C GLY A 228 -3.85 -9.34 11.59
N MET A 229 -3.59 -8.04 11.69
CA MET A 229 -2.71 -7.32 10.72
C MET A 229 -1.60 -6.56 11.45
N THR A 230 -0.34 -6.91 11.17
CA THR A 230 0.86 -6.24 11.75
C THR A 230 0.96 -4.81 11.22
N LEU A 231 1.12 -3.84 12.14
CA LEU A 231 1.48 -2.45 11.81
C LEU A 231 3.00 -2.36 11.86
N GLU A 232 3.60 -1.73 10.84
CA GLU A 232 5.07 -1.50 10.75
C GLU A 232 5.43 -0.13 11.31
N ALA A 233 6.57 -0.01 11.98
CA ALA A 233 7.21 1.28 12.30
C ALA A 233 7.21 2.15 11.04
N GLY A 234 6.71 3.38 11.16
CA GLY A 234 6.63 4.33 10.03
C GLY A 234 5.35 4.23 9.26
N ASP A 235 4.45 3.31 9.63
CA ASP A 235 3.05 3.33 9.10
C ASP A 235 2.41 4.70 9.37
N VAL A 236 1.63 5.19 8.41
CA VAL A 236 0.83 6.46 8.51
C VAL A 236 -0.65 6.08 8.44
N ILE A 237 -1.41 6.38 9.48
CA ILE A 237 -2.87 6.08 9.46
C ILE A 237 -3.61 7.42 9.42
N ALA A 238 -4.36 7.64 8.35
CA ALA A 238 -5.20 8.84 8.17
C ALA A 238 -6.57 8.57 8.82
N THR A 239 -6.98 9.37 9.82
CA THR A 239 -8.05 8.98 10.78
C THR A 239 -9.41 9.55 10.39
N GLY A 240 -9.57 9.99 9.14
CA GLY A 240 -10.81 10.52 8.57
C GLY A 240 -10.86 12.04 8.65
N THR A 241 -11.93 12.64 8.16
CA THR A 241 -12.06 14.07 7.88
C THR A 241 -13.34 14.62 8.48
N PRO A 242 -13.38 15.87 9.00
CA PRO A 242 -14.65 16.43 9.46
C PRO A 242 -15.57 16.77 8.29
N ALA A 243 -16.83 17.15 8.59
CA ALA A 243 -17.81 17.66 7.60
C ALA A 243 -17.18 18.80 6.82
N GLY A 244 -17.68 19.08 5.61
CA GLY A 244 -17.35 20.30 4.84
C GLY A 244 -16.61 20.03 3.55
N VAL A 245 -16.45 18.75 3.23
CA VAL A 245 -15.86 18.23 1.97
C VAL A 245 -16.58 18.85 0.76
N GLY A 246 -15.84 19.24 -0.29
CA GLY A 246 -16.42 19.94 -1.45
C GLY A 246 -17.61 19.18 -2.01
N HIS A 247 -17.52 17.85 -2.03
CA HIS A 247 -18.56 16.93 -2.56
C HIS A 247 -19.86 17.03 -1.75
N GLY A 248 -19.79 17.42 -0.47
CA GLY A 248 -20.93 17.33 0.46
C GLY A 248 -21.65 18.66 0.57
N MET A 249 -21.18 19.66 -0.18
CA MET A 249 -21.65 21.06 -0.08
C MET A 249 -22.87 21.18 -0.99
N LYS A 250 -23.78 22.11 -0.70
CA LYS A 250 -25.03 22.32 -1.48
C LYS A 250 -24.98 23.72 -2.08
N PRO A 251 -24.63 23.91 -3.37
CA PRO A 251 -24.28 22.82 -4.29
C PRO A 251 -22.83 22.34 -4.13
N PRO A 252 -22.45 21.21 -4.75
CA PRO A 252 -21.09 20.68 -4.62
C PRO A 252 -20.02 21.57 -5.27
N VAL A 253 -18.86 21.72 -4.65
CA VAL A 253 -17.76 22.57 -5.20
C VAL A 253 -16.52 21.69 -5.26
N TYR A 254 -15.85 21.73 -6.40
CA TYR A 254 -14.67 20.90 -6.75
C TYR A 254 -13.51 21.87 -6.99
N LEU A 255 -12.32 21.35 -6.72
CA LEU A 255 -11.04 22.09 -6.74
C LEU A 255 -10.65 22.33 -8.21
N GLN A 256 -10.09 23.50 -8.47
CA GLN A 256 -9.69 23.92 -9.84
C GLN A 256 -8.23 24.34 -9.76
N ASP A 257 -7.58 24.41 -10.92
CA ASP A 257 -6.22 24.99 -11.10
C ASP A 257 -6.19 26.35 -10.40
N GLY A 258 -5.20 26.58 -9.54
CA GLY A 258 -5.02 27.83 -8.75
C GLY A 258 -5.53 27.74 -7.33
N ASP A 259 -6.42 26.81 -7.00
CA ASP A 259 -7.02 26.72 -5.65
C ASP A 259 -5.94 26.41 -4.61
N VAL A 260 -5.92 27.17 -3.50
CA VAL A 260 -4.97 27.00 -2.39
C VAL A 260 -5.71 26.35 -1.21
N ILE A 261 -5.22 25.19 -0.77
CA ILE A 261 -5.86 24.40 0.33
C ILE A 261 -4.94 24.53 1.54
N ASP A 262 -5.48 24.98 2.68
CA ASP A 262 -4.77 25.13 3.97
C ASP A 262 -5.45 24.27 5.05
N VAL A 263 -4.88 23.11 5.36
CA VAL A 263 -5.30 22.21 6.47
C VAL A 263 -4.45 22.56 7.70
N SER A 264 -5.07 22.72 8.84
CA SER A 264 -4.35 22.98 10.10
C SER A 264 -4.93 22.07 11.17
N ILE A 265 -4.07 21.70 12.11
CA ILE A 265 -4.43 20.91 13.31
C ILE A 265 -3.74 21.58 14.48
N GLU A 266 -4.48 22.00 15.49
CA GLU A 266 -3.91 22.80 16.58
C GLU A 266 -2.91 21.90 17.30
N GLY A 267 -1.71 22.42 17.57
CA GLY A 267 -0.59 21.68 18.18
C GLY A 267 0.37 21.17 17.15
N ILE A 268 -0.02 21.06 15.87
CA ILE A 268 0.86 20.51 14.79
C ILE A 268 1.28 21.62 13.83
N GLY A 269 0.31 22.30 13.23
CA GLY A 269 0.62 23.42 12.32
C GLY A 269 -0.27 23.39 11.10
N HIS A 270 0.29 23.85 9.99
CA HIS A 270 -0.40 24.13 8.70
C HIS A 270 0.22 23.27 7.59
N LEU A 271 -0.61 22.60 6.79
CA LEU A 271 -0.22 21.91 5.54
C LEU A 271 -0.97 22.62 4.42
N GLN A 272 -0.27 23.41 3.63
CA GLN A 272 -0.86 24.17 2.51
C GLN A 272 -0.25 23.69 1.19
N ASN A 273 -1.14 23.43 0.23
CA ASN A 273 -0.83 22.97 -1.13
C ASN A 273 -1.77 23.68 -2.10
N GLN A 274 -1.28 23.97 -3.30
CA GLN A 274 -2.11 24.59 -4.36
C GLN A 274 -2.33 23.53 -5.44
N VAL A 275 -3.55 23.41 -5.94
CA VAL A 275 -3.84 22.62 -7.17
C VAL A 275 -3.20 23.37 -8.36
N LYS A 276 -2.34 22.69 -9.13
CA LYS A 276 -1.75 23.34 -10.35
C LYS A 276 -1.61 22.32 -11.49
N ALA A 277 -2.04 22.73 -12.68
CA ALA A 277 -2.03 21.88 -13.91
C ALA A 277 -0.57 21.70 -14.39
N ARG A 278 -0.26 20.54 -14.96
CA ARG A 278 0.92 20.29 -15.84
C ARG A 278 1.00 18.82 -16.21
N SER B 2 15.89 -20.43 -20.33
CA SER B 2 15.91 -19.01 -19.80
C SER B 2 15.77 -18.98 -18.28
N MET B 3 16.43 -18.00 -17.65
CA MET B 3 16.61 -17.88 -16.19
C MET B 3 15.33 -17.37 -15.51
N LYS B 4 14.81 -18.18 -14.58
CA LYS B 4 13.77 -17.74 -13.62
C LYS B 4 14.53 -17.29 -12.36
N TRP B 5 14.06 -16.25 -11.69
CA TRP B 5 14.73 -15.70 -10.48
C TRP B 5 13.98 -16.15 -9.22
N PHE B 6 14.72 -16.42 -8.14
CA PHE B 6 14.11 -16.72 -6.82
C PHE B 6 15.05 -16.35 -5.68
N ARG B 7 14.48 -16.42 -4.50
CA ARG B 7 15.20 -16.15 -3.25
C ARG B 7 15.05 -17.38 -2.37
N PHE B 8 16.08 -17.77 -1.66
CA PHE B 8 16.03 -18.92 -0.74
C PHE B 8 16.84 -18.65 0.54
N GLU B 9 16.63 -19.49 1.55
CA GLU B 9 17.35 -19.43 2.86
C GLU B 9 18.41 -20.54 2.87
N GLN B 10 19.64 -20.22 3.28
CA GLN B 10 20.79 -21.13 3.48
C GLN B 10 21.57 -20.64 4.68
N ASP B 11 21.66 -21.44 5.75
CA ASP B 11 22.25 -21.05 7.06
C ASP B 11 21.53 -19.80 7.57
N GLY B 12 20.22 -19.69 7.35
CA GLY B 12 19.38 -18.62 7.92
C GLY B 12 19.53 -17.27 7.22
N ARG B 13 20.39 -17.16 6.19
CA ARG B 13 20.60 -15.92 5.39
C ARG B 13 19.83 -16.06 4.07
N ALA B 14 19.28 -14.95 3.56
CA ALA B 14 18.66 -14.88 2.22
C ALA B 14 19.76 -15.02 1.17
N ARG B 15 19.45 -15.72 0.07
CA ARG B 15 20.31 -15.92 -1.11
C ARG B 15 19.46 -15.77 -2.37
N ILE B 16 20.08 -15.34 -3.47
CA ILE B 16 19.43 -15.25 -4.81
C ILE B 16 19.79 -16.49 -5.63
N GLY B 17 18.78 -17.13 -6.20
CA GLY B 17 18.98 -18.29 -7.07
C GLY B 17 18.42 -17.98 -8.44
N VAL B 18 18.83 -18.76 -9.43
CA VAL B 18 18.14 -18.79 -10.73
C VAL B 18 17.86 -20.23 -11.03
N GLU B 19 16.74 -20.43 -11.71
CA GLU B 19 16.22 -21.73 -12.17
C GLU B 19 16.27 -21.76 -13.70
N GLU B 20 16.98 -22.76 -14.24
CA GLU B 20 17.17 -22.99 -15.68
C GLU B 20 16.87 -24.46 -15.95
N ALA B 21 15.89 -24.73 -16.81
CA ALA B 21 15.50 -26.10 -17.20
C ALA B 21 15.21 -26.93 -15.94
N GLY B 22 14.60 -26.32 -14.93
CA GLY B 22 14.22 -27.03 -13.69
C GLY B 22 15.36 -27.18 -12.69
N HIS B 23 16.60 -26.79 -13.01
CA HIS B 23 17.76 -26.87 -12.07
C HIS B 23 17.94 -25.53 -11.40
N ARG B 24 18.32 -25.52 -10.13
CA ARG B 24 18.43 -24.29 -9.31
C ARG B 24 19.90 -24.05 -9.01
N TYR B 25 20.35 -22.81 -9.15
CA TYR B 25 21.76 -22.39 -8.90
C TYR B 25 21.81 -21.19 -7.95
N ASP B 26 22.80 -21.17 -7.08
CA ASP B 26 23.07 -19.99 -6.20
C ASP B 26 23.89 -18.96 -7.00
N VAL B 27 23.36 -17.75 -7.23
CA VAL B 27 24.01 -16.70 -8.07
C VAL B 27 24.29 -15.48 -7.19
N THR B 28 24.12 -15.60 -5.87
CA THR B 28 24.42 -14.50 -4.92
C THR B 28 25.84 -13.97 -5.17
N PRO B 29 26.87 -14.82 -5.33
CA PRO B 29 28.22 -14.32 -5.59
C PRO B 29 28.41 -13.60 -6.94
N GLN B 30 27.47 -13.74 -7.90
CA GLN B 30 27.59 -13.10 -9.24
C GLN B 30 26.71 -11.85 -9.38
N VAL B 31 25.73 -11.64 -8.48
CA VAL B 31 24.83 -10.45 -8.51
C VAL B 31 25.05 -9.58 -7.25
N TYR B 32 25.90 -10.01 -6.32
CA TYR B 32 26.49 -9.20 -5.22
C TYR B 32 25.40 -8.53 -4.37
N THR B 33 24.29 -9.23 -4.06
CA THR B 33 23.26 -8.79 -3.09
C THR B 33 22.48 -10.01 -2.55
N ASP B 34 21.75 -9.87 -1.45
CA ASP B 34 20.90 -10.95 -0.88
C ASP B 34 19.42 -10.63 -1.13
N SER B 35 19.13 -9.68 -2.02
CA SER B 35 17.78 -9.12 -2.20
C SER B 35 17.39 -9.14 -3.68
N LEU B 36 16.35 -9.89 -4.02
CA LEU B 36 15.80 -9.93 -5.39
C LEU B 36 15.16 -8.58 -5.74
N LEU B 37 14.66 -7.84 -4.76
CA LEU B 37 14.14 -6.49 -5.03
C LEU B 37 15.28 -5.58 -5.53
N GLU B 38 16.45 -5.66 -4.90
CA GLU B 38 17.57 -4.78 -5.30
C GLU B 38 17.98 -5.09 -6.74
N VAL B 39 18.08 -6.37 -7.11
CA VAL B 39 18.33 -6.80 -8.51
C VAL B 39 17.34 -6.11 -9.45
N ILE B 40 16.05 -6.16 -9.18
CA ILE B 40 15.06 -5.56 -10.11
C ILE B 40 15.13 -4.02 -10.02
N VAL B 41 15.34 -3.41 -8.86
CA VAL B 41 15.39 -1.93 -8.71
C VAL B 41 16.63 -1.40 -9.46
N ARG B 42 17.70 -2.19 -9.59
CA ARG B 42 18.95 -1.75 -10.26
C ARG B 42 18.69 -1.38 -11.72
N GLY B 43 17.82 -2.12 -12.40
CA GLY B 43 17.26 -1.77 -13.72
C GLY B 43 18.06 -2.38 -14.87
N PHE B 44 18.99 -3.29 -14.57
CA PHE B 44 19.86 -3.90 -15.60
C PHE B 44 20.35 -5.28 -15.14
N GLU B 45 20.49 -6.15 -16.13
CA GLU B 45 20.93 -7.56 -16.02
C GLU B 45 22.46 -7.55 -15.84
N MET B 46 22.95 -7.96 -14.68
CA MET B 46 24.40 -8.23 -14.49
C MET B 46 24.64 -9.69 -14.91
N ASP B 47 25.56 -9.92 -15.85
CA ASP B 47 25.66 -11.22 -16.59
C ASP B 47 26.01 -12.36 -15.61
N VAL B 48 25.29 -13.47 -15.71
CA VAL B 48 25.39 -14.65 -14.81
C VAL B 48 25.93 -15.84 -15.62
N ASP B 49 27.06 -16.40 -15.18
CA ASP B 49 27.62 -17.66 -15.74
C ASP B 49 27.16 -18.81 -14.83
N LEU B 50 26.28 -19.65 -15.34
CA LEU B 50 25.76 -20.82 -14.60
C LEU B 50 26.84 -21.92 -14.52
N ASP B 51 27.86 -21.91 -15.39
CA ASP B 51 29.02 -22.86 -15.30
C ASP B 51 29.68 -22.70 -13.92
N VAL B 52 29.90 -21.46 -13.45
CA VAL B 52 30.59 -21.18 -12.15
C VAL B 52 29.60 -21.11 -10.98
N ALA B 53 28.31 -21.34 -11.21
CA ALA B 53 27.27 -21.26 -10.14
C ALA B 53 27.08 -22.65 -9.55
N PRO B 54 27.22 -22.81 -8.20
CA PRO B 54 26.94 -24.09 -7.56
C PRO B 54 25.46 -24.43 -7.73
N ARG B 55 25.17 -25.56 -8.35
CA ARG B 55 23.82 -26.15 -8.43
C ARG B 55 23.35 -26.51 -7.01
N LEU B 56 22.08 -26.21 -6.68
CA LEU B 56 21.43 -26.65 -5.41
C LEU B 56 20.79 -28.03 -5.63
N THR B 57 21.36 -29.05 -4.99
CA THR B 57 21.01 -30.49 -5.15
C THR B 57 20.08 -30.92 -4.01
N ASP B 58 20.36 -30.41 -2.81
CA ASP B 58 19.56 -30.58 -1.57
C ASP B 58 18.21 -29.88 -1.73
N HIS B 59 17.20 -30.30 -0.94
CA HIS B 59 16.00 -29.49 -0.63
C HIS B 59 16.47 -28.13 -0.11
N VAL B 60 15.81 -27.06 -0.51
CA VAL B 60 16.10 -25.70 0.01
C VAL B 60 14.79 -25.00 0.34
N ARG B 61 14.83 -24.14 1.37
CA ARG B 61 13.69 -23.26 1.75
C ARG B 61 13.62 -22.09 0.75
N LEU B 62 12.58 -22.07 -0.09
CA LEU B 62 12.25 -20.88 -0.92
C LEU B 62 11.59 -19.83 -0.03
N LEU B 63 11.92 -18.57 -0.26
CA LEU B 63 11.26 -17.42 0.39
C LEU B 63 10.35 -16.81 -0.66
N ALA B 64 9.51 -15.86 -0.26
CA ALA B 64 8.79 -15.04 -1.25
C ALA B 64 9.86 -14.34 -2.08
N PRO B 65 9.67 -14.10 -3.38
CA PRO B 65 10.67 -13.40 -4.19
C PRO B 65 11.26 -12.19 -3.46
N TYR B 66 10.41 -11.33 -2.90
CA TYR B 66 10.81 -10.17 -2.09
C TYR B 66 9.62 -9.62 -1.30
N LEU B 67 9.88 -8.78 -0.30
CA LEU B 67 8.85 -7.94 0.38
C LEU B 67 8.59 -6.76 -0.53
N PRO B 68 7.40 -6.63 -1.15
CA PRO B 68 7.14 -5.53 -2.07
C PRO B 68 7.28 -4.19 -1.34
N PRO B 69 7.86 -3.16 -2.00
CA PRO B 69 8.19 -1.89 -1.36
C PRO B 69 6.94 -1.02 -1.14
N ARG B 70 5.78 -1.44 -1.66
CA ARG B 70 4.46 -0.83 -1.35
C ARG B 70 3.39 -1.89 -1.56
N ASN B 71 2.11 -1.56 -1.31
CA ASN B 71 1.06 -2.59 -1.31
C ASN B 71 1.01 -3.24 -2.70
N VAL B 72 0.71 -4.53 -2.74
CA VAL B 72 0.35 -5.27 -3.99
C VAL B 72 -0.94 -4.64 -4.56
N ILE B 73 -0.90 -4.22 -5.81
CA ILE B 73 -2.04 -3.62 -6.54
C ILE B 73 -2.81 -4.79 -7.16
N CYS B 74 -4.11 -4.88 -6.89
CA CYS B 74 -4.94 -6.05 -7.24
C CYS B 74 -6.11 -5.62 -8.11
N VAL B 75 -6.40 -6.38 -9.15
CA VAL B 75 -7.56 -6.15 -10.04
C VAL B 75 -8.70 -7.04 -9.55
N GLY B 76 -9.91 -6.49 -9.52
CA GLY B 76 -11.19 -7.18 -9.20
C GLY B 76 -11.59 -8.06 -10.37
N LYS B 77 -12.89 -8.33 -10.56
CA LYS B 77 -13.46 -9.22 -11.62
C LYS B 77 -12.78 -8.93 -12.95
N ASN B 78 -11.87 -9.80 -13.39
CA ASN B 78 -11.11 -9.61 -14.65
C ASN B 78 -11.12 -10.88 -15.54
N TYR B 79 -11.96 -11.88 -15.25
CA TYR B 79 -12.06 -13.12 -16.07
C TYR B 79 -13.50 -13.36 -16.53
N ALA B 80 -13.68 -13.57 -17.82
CA ALA B 80 -14.89 -14.19 -18.43
C ALA B 80 -14.91 -15.68 -18.11
N ASP B 81 -16.08 -16.33 -18.26
CA ASP B 81 -16.26 -17.77 -17.94
C ASP B 81 -16.01 -18.58 -19.21
N HIS B 82 -16.65 -18.23 -20.33
CA HIS B 82 -16.54 -18.93 -21.63
C HIS B 82 -15.69 -18.08 -22.59
N ILE B 83 -14.93 -18.74 -23.48
CA ILE B 83 -13.98 -18.09 -24.44
C ILE B 83 -14.67 -16.98 -25.24
N LYS B 84 -15.90 -17.20 -25.69
CA LYS B 84 -16.66 -16.19 -26.48
C LYS B 84 -17.85 -15.68 -25.64
N GLU B 85 -17.74 -15.72 -24.31
CA GLU B 85 -18.59 -14.94 -23.37
C GLU B 85 -17.87 -13.59 -23.13
N MET B 86 -17.11 -13.14 -24.14
CA MET B 86 -16.13 -12.03 -24.05
C MET B 86 -16.50 -10.89 -25.00
N ASP B 87 -17.46 -11.06 -25.91
CA ASP B 87 -17.96 -9.97 -26.78
C ASP B 87 -18.38 -8.80 -25.88
N THR B 88 -17.66 -7.68 -25.98
CA THR B 88 -17.71 -6.52 -25.04
C THR B 88 -18.32 -6.99 -23.71
N ALA B 89 -17.62 -7.89 -23.03
CA ALA B 89 -17.76 -8.14 -21.57
C ALA B 89 -16.75 -7.23 -20.87
N GLY B 90 -15.59 -7.00 -21.51
CA GLY B 90 -14.47 -6.19 -21.01
C GLY B 90 -14.94 -4.85 -20.47
N ALA B 91 -16.00 -4.29 -21.08
CA ALA B 91 -16.58 -2.95 -20.82
C ALA B 91 -17.10 -2.81 -19.38
N GLY B 92 -16.78 -3.75 -18.48
CA GLY B 92 -17.05 -3.64 -17.03
C GLY B 92 -16.13 -2.62 -16.36
N LYS B 93 -16.40 -2.30 -15.10
CA LYS B 93 -15.60 -1.34 -14.31
C LYS B 93 -14.24 -1.98 -13.99
N PHE B 94 -13.18 -1.17 -14.06
CA PHE B 94 -11.78 -1.49 -13.71
C PHE B 94 -11.61 -1.34 -12.20
N VAL B 95 -11.76 -2.42 -11.44
CA VAL B 95 -11.76 -2.34 -9.96
C VAL B 95 -10.33 -2.58 -9.49
N LEU B 96 -9.80 -1.63 -8.70
CA LEU B 96 -8.38 -1.66 -8.19
C LEU B 96 -8.38 -1.49 -6.67
N PHE B 97 -7.70 -2.38 -5.94
CA PHE B 97 -7.51 -2.30 -4.47
C PHE B 97 -6.11 -2.85 -4.17
N THR B 98 -5.69 -2.86 -2.91
CA THR B 98 -4.31 -3.27 -2.54
C THR B 98 -4.34 -4.33 -1.44
N LYS B 99 -3.23 -5.04 -1.29
CA LYS B 99 -2.97 -5.94 -0.14
C LYS B 99 -1.67 -5.47 0.50
N ALA B 100 -1.67 -5.35 1.83
CA ALA B 100 -0.48 -4.94 2.63
C ALA B 100 0.66 -5.95 2.46
N PRO B 101 1.91 -5.45 2.31
CA PRO B 101 3.07 -6.32 2.15
C PRO B 101 3.24 -7.26 3.35
N SER B 102 2.71 -6.90 4.52
CA SER B 102 2.80 -7.68 5.79
C SER B 102 2.01 -8.99 5.70
N SER B 103 1.16 -9.13 4.66
CA SER B 103 0.35 -10.32 4.34
C SER B 103 1.12 -11.32 3.47
N ILE B 104 2.27 -10.93 2.92
CA ILE B 104 3.06 -11.79 1.99
C ILE B 104 3.53 -12.99 2.81
N VAL B 105 3.63 -14.15 2.18
CA VAL B 105 4.33 -15.34 2.72
C VAL B 105 4.93 -16.06 1.51
N GLY B 106 5.93 -16.88 1.75
CA GLY B 106 6.63 -17.59 0.68
C GLY B 106 5.82 -18.75 0.14
N PRO B 107 6.33 -19.42 -0.90
CA PRO B 107 5.76 -20.71 -1.32
C PRO B 107 6.01 -21.71 -0.18
N PHE B 108 5.00 -22.54 0.09
CA PHE B 108 4.98 -23.59 1.15
C PHE B 108 4.96 -22.96 2.55
N ASP B 109 4.82 -21.63 2.70
CA ASP B 109 4.51 -21.05 4.04
C ASP B 109 3.03 -21.29 4.31
N PRO B 110 2.66 -21.59 5.58
CA PRO B 110 1.27 -21.66 5.96
C PRO B 110 0.59 -20.28 5.85
N ILE B 111 -0.71 -20.31 5.55
CA ILE B 111 -1.68 -19.19 5.69
C ILE B 111 -2.33 -19.24 7.08
N GLU B 112 -2.12 -18.20 7.89
CA GLU B 112 -2.77 -18.07 9.21
C GLU B 112 -4.31 -18.08 9.05
N ARG B 113 -4.99 -18.90 9.85
CA ARG B 113 -6.44 -19.21 9.71
C ARG B 113 -7.29 -17.99 10.14
N HIS B 114 -6.92 -17.34 11.25
CA HIS B 114 -7.65 -16.19 11.87
C HIS B 114 -9.12 -16.58 12.14
N ALA B 115 -9.35 -17.76 12.72
CA ALA B 115 -10.69 -18.35 13.01
C ALA B 115 -11.57 -17.31 13.71
N ASP B 116 -11.00 -16.66 14.73
CA ASP B 116 -11.62 -15.56 15.52
C ASP B 116 -12.01 -14.35 14.65
N LEU B 117 -11.58 -14.23 13.39
CA LEU B 117 -11.89 -13.04 12.55
C LEU B 117 -12.72 -13.43 11.33
N THR B 118 -12.55 -14.63 10.78
CA THR B 118 -13.24 -15.02 9.53
C THR B 118 -13.80 -16.43 9.63
N GLN B 119 -14.98 -16.60 9.05
CA GLN B 119 -15.67 -17.92 8.86
C GLN B 119 -15.80 -18.15 7.36
N GLN B 120 -15.27 -17.24 6.54
CA GLN B 120 -15.38 -17.30 5.06
C GLN B 120 -13.99 -17.07 4.45
N LEU B 121 -12.97 -17.77 4.96
CA LEU B 121 -11.62 -17.73 4.33
C LEU B 121 -11.73 -18.37 2.94
N ASP B 122 -11.13 -17.74 1.93
CA ASP B 122 -11.25 -18.18 0.51
C ASP B 122 -9.94 -17.88 -0.26
N TYR B 123 -9.86 -18.40 -1.50
CA TYR B 123 -8.66 -18.41 -2.39
C TYR B 123 -9.01 -17.74 -3.72
N GLU B 124 -7.99 -17.17 -4.36
CA GLU B 124 -7.96 -16.61 -5.73
C GLU B 124 -6.55 -16.82 -6.28
N GLY B 125 -6.37 -17.70 -7.27
CA GLY B 125 -5.09 -17.87 -7.98
C GLY B 125 -4.92 -16.84 -9.08
N GLU B 126 -3.75 -16.18 -9.19
CA GLU B 126 -3.58 -15.00 -10.08
C GLU B 126 -2.18 -14.92 -10.66
N LEU B 127 -2.11 -14.46 -11.90
CA LEU B 127 -0.84 -14.01 -12.52
C LEU B 127 -0.48 -12.63 -11.97
N ALA B 128 0.77 -12.49 -11.55
CA ALA B 128 1.33 -11.26 -10.99
C ALA B 128 2.28 -10.68 -12.02
N ILE B 129 2.12 -9.39 -12.36
CA ILE B 129 3.13 -8.59 -13.10
C ILE B 129 4.10 -7.99 -12.07
N ILE B 130 5.39 -8.07 -12.37
CA ILE B 130 6.51 -7.45 -11.63
C ILE B 130 7.04 -6.30 -12.49
N ILE B 131 6.97 -5.07 -11.98
CA ILE B 131 7.45 -3.86 -12.69
C ILE B 131 8.96 -3.76 -12.49
N GLY B 132 9.69 -3.38 -13.53
CA GLY B 132 11.17 -3.40 -13.54
C GLY B 132 11.75 -2.00 -13.59
N THR B 133 10.96 -1.04 -14.10
CA THR B 133 11.38 0.36 -14.38
C THR B 133 10.24 1.30 -13.98
N THR B 134 10.54 2.33 -13.18
CA THR B 134 9.61 3.40 -12.77
C THR B 134 8.98 4.01 -14.03
N GLY B 135 7.69 4.31 -13.97
CA GLY B 135 6.98 4.78 -15.18
C GLY B 135 5.57 5.24 -14.90
N ARG B 136 5.07 6.07 -15.79
CA ARG B 136 3.74 6.64 -15.67
C ARG B 136 3.19 6.83 -17.08
N ASP B 137 1.88 6.72 -17.29
CA ASP B 137 1.24 7.00 -18.61
C ASP B 137 1.84 6.05 -19.65
N LEU B 138 1.99 4.77 -19.28
CA LEU B 138 2.45 3.70 -20.20
C LEU B 138 1.50 3.65 -21.40
N THR B 139 2.04 3.18 -22.52
CA THR B 139 1.37 3.00 -23.83
C THR B 139 1.48 1.53 -24.21
N PRO B 140 0.53 0.97 -24.98
CA PRO B 140 0.66 -0.38 -25.54
C PRO B 140 2.03 -0.70 -26.17
N GLU B 141 2.81 0.32 -26.51
CA GLU B 141 4.05 0.21 -27.32
C GLU B 141 5.29 0.35 -26.42
N ASN B 142 5.13 0.73 -25.15
CA ASN B 142 6.28 0.78 -24.21
C ASN B 142 5.97 -0.01 -22.94
N ALA B 143 4.77 -0.57 -22.79
CA ALA B 143 4.26 -1.04 -21.48
C ALA B 143 5.18 -2.19 -21.02
N LEU B 144 5.37 -3.17 -21.90
CA LEU B 144 6.15 -4.40 -21.66
C LEU B 144 7.63 -4.07 -21.43
N GLU B 145 8.14 -2.96 -21.98
CA GLU B 145 9.52 -2.53 -21.66
C GLU B 145 9.62 -2.26 -20.15
N HIS B 146 8.53 -1.92 -19.45
CA HIS B 146 8.54 -1.54 -18.00
C HIS B 146 8.43 -2.77 -17.09
N VAL B 147 8.34 -4.00 -17.65
CA VAL B 147 7.96 -5.23 -16.92
C VAL B 147 9.19 -6.12 -16.79
N PHE B 148 9.61 -6.34 -15.55
CA PHE B 148 10.73 -7.25 -15.24
C PHE B 148 10.32 -8.67 -15.57
N GLY B 149 9.11 -9.05 -15.18
CA GLY B 149 8.74 -10.46 -15.20
C GLY B 149 7.36 -10.72 -14.65
N TYR B 150 7.10 -12.00 -14.37
CA TYR B 150 5.77 -12.51 -13.95
C TYR B 150 5.97 -13.52 -12.83
N SER B 151 4.99 -13.65 -11.95
CA SER B 151 5.04 -14.60 -10.81
C SER B 151 3.61 -15.02 -10.46
N ILE B 152 3.39 -15.70 -9.34
CA ILE B 152 2.03 -16.19 -8.98
C ILE B 152 1.67 -15.54 -7.65
N ILE B 153 0.41 -15.15 -7.48
CA ILE B 153 -0.15 -14.62 -6.21
C ILE B 153 -1.38 -15.43 -5.84
N ASN B 154 -1.51 -15.89 -4.59
CA ASN B 154 -2.80 -16.31 -3.99
C ASN B 154 -3.38 -15.10 -3.25
N ASP B 155 -4.47 -14.52 -3.77
CA ASP B 155 -5.19 -13.35 -3.21
C ASP B 155 -6.19 -13.88 -2.19
N VAL B 156 -5.67 -14.42 -1.09
CA VAL B 156 -6.45 -14.98 0.02
C VAL B 156 -7.32 -13.86 0.59
N THR B 157 -8.58 -14.18 0.80
CA THR B 157 -9.68 -13.22 1.06
C THR B 157 -10.63 -13.81 2.10
N ALA B 158 -10.82 -13.07 3.18
CA ALA B 158 -11.94 -13.19 4.12
C ALA B 158 -13.16 -12.48 3.52
N ARG B 159 -14.03 -13.23 2.84
CA ARG B 159 -15.24 -12.67 2.16
C ARG B 159 -16.13 -11.92 3.16
N ASP B 160 -16.17 -12.34 4.42
CA ASP B 160 -17.01 -11.68 5.47
C ASP B 160 -16.41 -10.31 5.85
N LEU B 161 -15.08 -10.21 5.92
CA LEU B 161 -14.37 -8.92 6.16
C LEU B 161 -14.50 -8.01 4.94
N GLN B 162 -14.53 -8.57 3.73
CA GLN B 162 -14.87 -7.78 2.51
C GLN B 162 -16.16 -6.98 2.77
N LYS B 163 -17.22 -7.64 3.24
CA LYS B 163 -18.56 -7.00 3.35
C LYS B 163 -18.56 -6.04 4.55
N GLU B 164 -18.00 -6.48 5.69
CA GLU B 164 -17.96 -5.75 6.99
C GLU B 164 -17.25 -4.40 6.87
N HIS B 165 -16.14 -4.32 6.11
CA HIS B 165 -15.31 -3.10 5.98
C HIS B 165 -15.48 -2.45 4.59
N VAL B 166 -16.31 -3.08 3.73
CA VAL B 166 -16.83 -2.53 2.45
C VAL B 166 -15.69 -2.47 1.43
N GLN B 167 -14.65 -1.70 1.72
CA GLN B 167 -13.42 -1.68 0.88
C GLN B 167 -12.68 -2.99 1.19
N PHE B 168 -12.05 -3.61 0.20
CA PHE B 168 -11.50 -4.99 0.28
C PHE B 168 -10.19 -5.07 1.08
N PHE B 169 -9.51 -3.92 1.27
CA PHE B 169 -8.14 -3.86 1.85
C PHE B 169 -8.04 -4.79 3.07
N ARG B 170 -8.90 -4.57 4.05
CA ARG B 170 -8.72 -5.25 5.36
C ARG B 170 -8.83 -6.77 5.15
N GLY B 171 -9.89 -7.18 4.44
CA GLY B 171 -10.26 -8.58 4.26
C GLY B 171 -9.23 -9.33 3.44
N LYS B 172 -8.43 -8.58 2.66
CA LYS B 172 -7.37 -9.12 1.79
C LYS B 172 -6.00 -8.94 2.40
N SER B 173 -5.85 -8.33 3.59
CA SER B 173 -4.51 -7.92 4.07
C SER B 173 -4.17 -8.47 5.45
N LEU B 174 -4.92 -9.44 5.97
CA LEU B 174 -4.55 -10.10 7.26
C LEU B 174 -3.20 -10.79 7.08
N ASP B 175 -2.38 -10.88 8.13
CA ASP B 175 -1.09 -11.62 8.05
C ASP B 175 -1.36 -13.02 7.47
N GLY B 176 -0.55 -13.44 6.49
CA GLY B 176 -0.68 -14.73 5.76
C GLY B 176 -1.54 -14.68 4.50
N PHE B 177 -2.19 -13.58 4.14
CA PHE B 177 -3.17 -13.62 3.02
C PHE B 177 -2.54 -13.37 1.63
N CYS B 178 -1.21 -13.24 1.47
CA CYS B 178 -0.63 -13.09 0.11
C CYS B 178 0.54 -14.05 -0.17
N PRO B 179 0.30 -15.38 -0.31
CA PRO B 179 1.27 -16.28 -0.94
C PRO B 179 1.86 -15.72 -2.25
N PHE B 180 3.18 -15.65 -2.35
CA PHE B 180 3.90 -15.00 -3.48
C PHE B 180 5.09 -15.88 -3.92
N GLY B 181 5.15 -16.20 -5.21
CA GLY B 181 6.27 -16.97 -5.79
C GLY B 181 5.78 -18.01 -6.78
N PRO B 182 6.51 -19.15 -6.98
CA PRO B 182 7.74 -19.45 -6.26
C PRO B 182 8.96 -18.75 -6.87
N VAL B 183 8.85 -18.35 -8.14
CA VAL B 183 9.98 -17.75 -8.90
C VAL B 183 9.42 -16.58 -9.72
N ILE B 184 10.29 -15.77 -10.30
CA ILE B 184 9.89 -14.73 -11.28
C ILE B 184 10.48 -15.12 -12.64
N VAL B 185 9.62 -15.36 -13.63
CA VAL B 185 10.05 -15.62 -15.02
C VAL B 185 10.19 -14.26 -15.70
N THR B 186 11.24 -14.04 -16.50
CA THR B 186 11.56 -12.72 -17.11
C THR B 186 10.55 -12.41 -18.21
N GLU B 187 10.25 -11.13 -18.44
CA GLU B 187 9.39 -10.66 -19.56
C GLU B 187 9.88 -11.26 -20.90
N ASP B 188 11.19 -11.25 -21.16
CA ASP B 188 11.86 -11.92 -22.32
C ASP B 188 11.26 -13.31 -22.62
N ALA B 189 11.01 -14.12 -21.59
CA ALA B 189 10.86 -15.59 -21.70
C ALA B 189 9.43 -16.01 -21.43
N PHE B 190 8.49 -15.08 -21.32
CA PHE B 190 7.09 -15.40 -20.92
C PHE B 190 6.11 -14.51 -21.69
N ASP B 191 5.13 -15.16 -22.31
CA ASP B 191 3.99 -14.51 -23.02
C ASP B 191 2.71 -14.83 -22.25
N PRO B 192 2.03 -13.82 -21.64
CA PRO B 192 0.83 -14.06 -20.85
C PRO B 192 -0.49 -14.17 -21.63
N ALA B 193 -0.41 -14.12 -22.97
CA ALA B 193 -1.57 -14.01 -23.89
C ALA B 193 -2.49 -15.21 -23.75
N ASP B 194 -1.95 -16.39 -23.42
CA ASP B 194 -2.73 -17.65 -23.33
C ASP B 194 -1.96 -18.68 -22.49
N VAL B 195 -1.77 -18.44 -21.20
CA VAL B 195 -1.17 -19.46 -20.28
C VAL B 195 -2.27 -19.88 -19.31
N LEU B 196 -2.20 -21.13 -18.83
CA LEU B 196 -3.26 -21.82 -18.05
C LEU B 196 -3.06 -21.55 -16.54
N VAL B 197 -4.09 -20.99 -15.88
CA VAL B 197 -4.06 -20.73 -14.41
C VAL B 197 -4.93 -21.79 -13.75
N GLU B 198 -4.39 -22.50 -12.75
CA GLU B 198 -5.12 -23.61 -12.09
C GLU B 198 -4.91 -23.54 -10.59
N THR B 199 -5.96 -23.89 -9.85
CA THR B 199 -5.97 -23.91 -8.38
C THR B 199 -6.61 -25.21 -7.95
N ARG B 200 -5.98 -25.90 -7.00
CA ARG B 200 -6.52 -27.14 -6.40
C ARG B 200 -6.61 -26.89 -4.91
N VAL B 201 -7.63 -27.44 -4.28
CA VAL B 201 -7.81 -27.40 -2.81
C VAL B 201 -7.91 -28.85 -2.33
N ASN B 202 -6.95 -29.24 -1.49
CA ASN B 202 -6.80 -30.62 -0.96
C ASN B 202 -6.70 -31.61 -2.12
N GLY B 203 -6.09 -31.20 -3.24
CA GLY B 203 -5.90 -31.99 -4.47
C GLY B 203 -7.02 -31.78 -5.49
N GLU B 204 -8.17 -31.25 -5.09
CA GLU B 204 -9.37 -31.18 -5.98
C GLU B 204 -9.37 -29.87 -6.77
N LEU B 205 -9.47 -29.95 -8.09
CA LEU B 205 -9.41 -28.79 -9.00
C LEU B 205 -10.58 -27.84 -8.68
N ARG B 206 -10.29 -26.55 -8.50
CA ARG B 206 -11.30 -25.54 -8.07
C ARG B 206 -11.35 -24.41 -9.10
N GLN B 207 -10.21 -24.10 -9.73
CA GLN B 207 -10.08 -23.12 -10.82
C GLN B 207 -9.22 -23.75 -11.90
N SER B 208 -9.53 -23.42 -13.15
CA SER B 208 -8.73 -23.76 -14.34
C SER B 208 -9.18 -22.83 -15.47
N GLY B 209 -8.35 -21.86 -15.83
CA GLY B 209 -8.68 -20.87 -16.87
C GLY B 209 -7.44 -20.31 -17.50
N SER B 210 -7.52 -20.05 -18.80
CA SER B 210 -6.46 -19.37 -19.58
C SER B 210 -6.54 -17.86 -19.39
N THR B 211 -5.38 -17.19 -19.43
CA THR B 211 -5.24 -15.71 -19.42
C THR B 211 -5.83 -15.10 -20.71
N LYS B 212 -6.39 -15.93 -21.60
CA LYS B 212 -7.08 -15.45 -22.82
C LYS B 212 -8.48 -14.97 -22.43
N LEU B 213 -9.02 -15.49 -21.33
CA LEU B 213 -10.34 -15.08 -20.75
C LEU B 213 -10.24 -13.79 -19.90
N MET B 214 -9.08 -13.12 -19.86
CA MET B 214 -8.90 -11.86 -19.09
C MET B 214 -9.64 -10.71 -19.76
N LEU B 215 -10.50 -10.02 -19.05
CA LEU B 215 -11.37 -8.94 -19.61
C LEU B 215 -10.48 -7.79 -20.08
N ARG B 216 -9.45 -7.46 -19.30
CA ARG B 216 -8.34 -6.54 -19.66
C ARG B 216 -7.04 -7.33 -19.57
N ASP B 217 -6.21 -7.32 -20.62
CA ASP B 217 -4.99 -8.16 -20.67
C ASP B 217 -3.84 -7.43 -19.97
N VAL B 218 -2.64 -8.00 -19.97
CA VAL B 218 -1.48 -7.44 -19.23
C VAL B 218 -1.24 -5.99 -19.70
N VAL B 219 -1.12 -5.78 -21.01
CA VAL B 219 -0.76 -4.47 -21.60
C VAL B 219 -1.85 -3.42 -21.25
N THR B 220 -3.12 -3.79 -21.29
CA THR B 220 -4.25 -2.88 -20.96
C THR B 220 -4.20 -2.53 -19.47
N ILE B 221 -3.93 -3.50 -18.61
CA ILE B 221 -3.80 -3.29 -17.14
C ILE B 221 -2.70 -2.25 -16.89
N LEU B 222 -1.55 -2.41 -17.53
CA LEU B 222 -0.39 -1.48 -17.39
C LEU B 222 -0.76 -0.06 -17.83
N THR B 223 -1.44 0.08 -18.97
CA THR B 223 -1.88 1.38 -19.56
C THR B 223 -2.84 2.09 -18.58
N GLU B 224 -3.80 1.37 -18.03
CA GLU B 224 -4.92 1.93 -17.24
C GLU B 224 -4.48 2.20 -15.80
N VAL B 225 -3.57 1.40 -15.22
CA VAL B 225 -3.12 1.56 -13.80
C VAL B 225 -2.17 2.75 -13.70
N SER B 226 -1.33 2.95 -14.73
CA SER B 226 -0.27 4.00 -14.74
C SER B 226 -0.83 5.32 -15.24
N ARG B 227 -2.12 5.38 -15.60
CA ARG B 227 -2.74 6.63 -16.10
C ARG B 227 -2.76 7.64 -14.94
N GLY B 228 -1.81 8.56 -14.90
CA GLY B 228 -1.69 9.60 -13.85
C GLY B 228 -1.17 9.05 -12.53
N MET B 229 -0.86 7.75 -12.43
CA MET B 229 -0.20 7.17 -11.24
C MET B 229 1.15 6.52 -11.62
N THR B 230 2.22 6.95 -10.98
CA THR B 230 3.59 6.43 -11.23
C THR B 230 3.70 5.00 -10.69
N LEU B 231 4.14 4.05 -11.51
CA LEU B 231 4.56 2.69 -11.06
C LEU B 231 6.04 2.74 -10.67
N GLU B 232 6.40 2.00 -9.63
CA GLU B 232 7.76 1.89 -9.02
C GLU B 232 8.31 0.52 -9.43
N ALA B 233 9.60 0.44 -9.69
CA ALA B 233 10.29 -0.84 -9.91
C ALA B 233 9.99 -1.67 -8.67
N GLY B 234 9.62 -2.92 -8.85
CA GLY B 234 9.31 -3.81 -7.73
C GLY B 234 7.83 -3.80 -7.37
N ASP B 235 7.03 -2.94 -8.02
CA ASP B 235 5.55 -3.01 -7.93
C ASP B 235 5.09 -4.36 -8.44
N VAL B 236 4.10 -4.91 -7.75
CA VAL B 236 3.47 -6.21 -8.04
C VAL B 236 2.01 -5.92 -8.36
N ILE B 237 1.55 -6.32 -9.53
CA ILE B 237 0.14 -6.10 -9.94
C ILE B 237 -0.44 -7.49 -10.11
N ALA B 238 -1.37 -7.86 -9.26
CA ALA B 238 -2.15 -9.12 -9.33
C ALA B 238 -3.32 -8.94 -10.30
N THR B 239 -3.38 -9.78 -11.34
CA THR B 239 -4.13 -9.48 -12.58
C THR B 239 -5.51 -10.13 -12.56
N GLY B 240 -5.97 -10.59 -11.39
CA GLY B 240 -7.32 -11.17 -11.24
C GLY B 240 -7.32 -12.70 -11.32
N THR B 241 -8.47 -13.32 -11.02
CA THR B 241 -8.62 -14.77 -10.76
C THR B 241 -9.73 -15.30 -11.65
N PRO B 242 -9.52 -16.48 -12.30
CA PRO B 242 -10.55 -17.08 -13.14
C PRO B 242 -11.72 -17.57 -12.29
N ALA B 243 -12.75 -18.15 -12.91
CA ALA B 243 -13.96 -18.65 -12.21
C ALA B 243 -13.53 -19.73 -11.20
N GLY B 244 -14.36 -20.01 -10.17
CA GLY B 244 -14.23 -21.22 -9.34
C GLY B 244 -13.87 -20.95 -7.89
N VAL B 245 -13.90 -19.69 -7.45
CA VAL B 245 -13.56 -19.31 -6.05
C VAL B 245 -14.63 -19.95 -5.14
N GLY B 246 -14.28 -20.21 -3.88
CA GLY B 246 -15.10 -20.98 -2.94
C GLY B 246 -16.38 -20.26 -2.54
N HIS B 247 -16.35 -18.92 -2.63
CA HIS B 247 -17.51 -18.03 -2.33
C HIS B 247 -18.56 -18.16 -3.43
N GLY B 248 -18.18 -18.50 -4.65
CA GLY B 248 -19.07 -18.47 -5.82
C GLY B 248 -19.59 -19.85 -6.17
N MET B 249 -19.40 -20.83 -5.28
CA MET B 249 -19.79 -22.25 -5.48
C MET B 249 -21.14 -22.55 -4.79
N LYS B 250 -21.93 -23.45 -5.37
CA LYS B 250 -23.27 -23.86 -4.86
C LYS B 250 -23.17 -25.30 -4.37
N PRO B 251 -23.05 -25.58 -3.05
CA PRO B 251 -23.03 -24.57 -1.99
C PRO B 251 -21.67 -23.89 -1.75
N PRO B 252 -21.61 -22.75 -1.01
CA PRO B 252 -20.35 -22.05 -0.80
C PRO B 252 -19.37 -22.91 0.01
N VAL B 253 -18.07 -22.87 -0.33
CA VAL B 253 -17.04 -23.60 0.46
C VAL B 253 -15.93 -22.63 0.92
N TYR B 254 -15.51 -22.73 2.18
CA TYR B 254 -14.50 -21.83 2.80
C TYR B 254 -13.41 -22.70 3.45
N LEU B 255 -12.20 -22.13 3.55
CA LEU B 255 -10.95 -22.84 3.93
C LEU B 255 -10.93 -23.06 5.44
N GLN B 256 -10.44 -24.22 5.88
CA GLN B 256 -10.35 -24.56 7.33
C GLN B 256 -8.90 -24.91 7.66
N ASP B 257 -8.57 -24.90 8.94
CA ASP B 257 -7.35 -25.52 9.53
C ASP B 257 -7.02 -26.79 8.73
N GLY B 258 -5.81 -26.85 8.17
CA GLY B 258 -5.30 -28.08 7.52
C GLY B 258 -5.59 -28.14 6.03
N ASP B 259 -6.39 -27.24 5.45
CA ASP B 259 -6.58 -27.22 3.98
C ASP B 259 -5.28 -26.78 3.25
N VAL B 260 -4.96 -27.45 2.15
CA VAL B 260 -3.75 -27.23 1.31
C VAL B 260 -4.24 -26.62 0.00
N ILE B 261 -3.69 -25.48 -0.44
CA ILE B 261 -4.07 -24.87 -1.74
C ILE B 261 -2.83 -24.87 -2.64
N ASP B 262 -3.00 -25.40 -3.86
CA ASP B 262 -1.97 -25.46 -4.92
C ASP B 262 -2.43 -24.51 -6.03
N VAL B 263 -1.64 -23.49 -6.38
CA VAL B 263 -1.93 -22.61 -7.55
C VAL B 263 -0.84 -22.86 -8.58
N SER B 264 -1.26 -23.12 -9.82
CA SER B 264 -0.35 -23.45 -10.93
C SER B 264 -0.51 -22.45 -12.08
N ILE B 265 0.60 -21.98 -12.65
CA ILE B 265 0.63 -21.21 -13.93
C ILE B 265 1.73 -21.84 -14.81
N GLU B 266 1.35 -22.39 -15.96
CA GLU B 266 2.28 -23.05 -16.91
C GLU B 266 3.41 -22.09 -17.25
N GLY B 267 4.66 -22.53 -17.07
CA GLY B 267 5.86 -21.77 -17.43
C GLY B 267 6.38 -20.99 -16.25
N ILE B 268 5.65 -21.01 -15.13
CA ILE B 268 6.10 -20.33 -13.88
C ILE B 268 6.40 -21.39 -12.83
N GLY B 269 5.39 -22.16 -12.40
CA GLY B 269 5.58 -23.25 -11.42
C GLY B 269 4.35 -23.39 -10.55
N HIS B 270 4.54 -23.71 -9.27
CA HIS B 270 3.42 -23.92 -8.33
C HIS B 270 3.71 -23.26 -6.97
N LEU B 271 2.62 -22.72 -6.40
CA LEU B 271 2.53 -22.03 -5.11
C LEU B 271 1.61 -22.89 -4.21
N GLN B 272 2.17 -23.67 -3.28
CA GLN B 272 1.42 -24.58 -2.36
C GLN B 272 1.49 -24.06 -0.92
N ASN B 273 0.34 -23.75 -0.33
CA ASN B 273 0.28 -23.20 1.05
C ASN B 273 -0.80 -23.96 1.82
N GLN B 274 -0.56 -24.25 3.10
CA GLN B 274 -1.57 -24.91 3.96
C GLN B 274 -2.13 -23.86 4.92
N VAL B 275 -3.47 -23.75 5.00
CA VAL B 275 -4.15 -22.97 6.06
C VAL B 275 -3.88 -23.67 7.40
N LYS B 276 -3.44 -22.92 8.41
CA LYS B 276 -3.05 -23.46 9.74
C LYS B 276 -3.52 -22.48 10.82
N ALA B 277 -4.23 -23.01 11.83
CA ALA B 277 -4.58 -22.28 13.06
C ALA B 277 -3.28 -21.93 13.80
N ARG B 278 -3.02 -20.64 14.02
CA ARG B 278 -1.77 -20.12 14.65
C ARG B 278 -2.16 -19.02 15.65
#